data_4UY6
#
_entry.id   4UY6
#
_cell.length_a   71.045
_cell.length_b   71.045
_cell.length_c   124.984
_cell.angle_alpha   90.00
_cell.angle_beta   90.00
_cell.angle_gamma   90.00
#
_symmetry.space_group_name_H-M   'P 41 21 2'
#
loop_
_entity.id
_entity.type
_entity.pdbx_description
1 polymer 'HISTIDINE-SPECIFIC METHYLTRANSFERASE EGTD'
2 non-polymer HISTIDINE
3 non-polymer S-ADENOSYL-L-HOMOCYSTEINE
4 non-polymer 2-AMINO-2-HYDROXYMETHYL-PROPANE-1,3-DIOL
5 water water
#
_entity_poly.entity_id   1
_entity_poly.type   'polypeptide(L)'
_entity_poly.pdbx_seq_one_letter_code
;TLSLANYLAADSAAEALRRDVRAGLTAAPKSLPPKWFYDAVGSDLFDQITRLPEYYPTRTEAQILRTRSAEIIAAAGADT
LVELGSGTSEKTRMLLDAMRDAELLRRFIPFDVDAGVLRSAGAAIGAEYPGIEIDAVCGDFEEHLGKIPHVGRRLVVFLG
STIGNLTPAPRAEFLSTLADTLQPGDSLLLGTDLVKDTGRLVRAYDDAAGVTAAFNRNVLAVVNRELSADFDLDAFEHVA
KWNSDEERIEMWLRARTAQHVRVAALDLEVDFAAGEEMLTEVSCKFRPENVVAELAEAGLRQTHWWTDPAGDFGLSLAVR
L
;
_entity_poly.pdbx_strand_id   A
#
# COMPACT_ATOMS: atom_id res chain seq x y z
N THR A 1 17.13 4.56 -20.80
CA THR A 1 15.71 4.74 -20.62
C THR A 1 15.25 4.38 -19.21
N LEU A 2 16.13 3.81 -18.40
CA LEU A 2 15.76 3.41 -17.04
C LEU A 2 16.28 4.43 -16.04
N SER A 3 15.46 4.81 -15.07
CA SER A 3 15.96 5.69 -14.02
C SER A 3 15.42 5.31 -12.67
N LEU A 4 16.20 5.62 -11.64
CA LEU A 4 15.75 5.49 -10.26
C LEU A 4 16.06 6.74 -9.46
N ALA A 5 15.02 7.36 -8.88
CA ALA A 5 15.23 8.45 -7.95
C ALA A 5 14.97 7.94 -6.55
N ASN A 6 15.89 8.23 -5.63
CA ASN A 6 15.78 7.73 -4.27
C ASN A 6 15.67 8.89 -3.28
N TYR A 7 14.46 9.15 -2.80
CA TYR A 7 14.24 10.22 -1.83
C TYR A 7 14.24 9.76 -0.38
N LEU A 8 14.13 8.44 -0.18
CA LEU A 8 14.18 7.88 1.17
C LEU A 8 15.59 7.76 1.69
N ALA A 9 16.57 8.01 0.81
CA ALA A 9 17.95 7.82 1.19
C ALA A 9 18.49 8.94 2.09
N ALA A 10 17.90 10.14 1.97
CA ALA A 10 18.36 11.30 2.72
C ALA A 10 18.26 11.09 4.23
N ASP A 11 19.13 11.73 5.00
CA ASP A 11 19.05 11.61 6.45
C ASP A 11 17.83 12.35 7.00
N SER A 12 17.44 13.42 6.32
CA SER A 12 16.19 14.12 6.55
C SER A 12 14.96 13.18 6.47
N ALA A 13 14.94 12.29 5.49
CA ALA A 13 13.86 11.31 5.34
C ALA A 13 14.00 10.19 6.37
N ALA A 14 15.23 9.71 6.59
CA ALA A 14 15.52 8.70 7.61
C ALA A 14 15.10 9.17 9.00
N GLU A 15 15.35 10.44 9.31
CA GLU A 15 15.02 10.98 10.62
C GLU A 15 13.52 10.96 10.84
N ALA A 16 12.75 11.30 9.80
CA ALA A 16 11.29 11.30 9.88
C ALA A 16 10.75 9.88 10.04
N LEU A 17 11.34 8.94 9.33
CA LEU A 17 10.97 7.53 9.48
C LEU A 17 11.18 7.07 10.93
N ARG A 18 12.36 7.32 11.47
CA ARG A 18 12.72 6.91 12.82
C ARG A 18 11.90 7.61 13.89
N ARG A 19 11.60 8.89 13.65
CA ARG A 19 10.77 9.65 14.57
C ARG A 19 9.39 9.01 14.67
N ASP A 20 8.86 8.52 13.55
CA ASP A 20 7.54 7.92 13.53
C ASP A 20 7.52 6.55 14.21
N VAL A 21 8.61 5.79 14.09
CA VAL A 21 8.72 4.53 14.81
C VAL A 21 8.80 4.79 16.32
N ARG A 22 9.58 5.79 16.69
CA ARG A 22 9.75 6.15 18.10
C ARG A 22 8.43 6.59 18.71
N ALA A 23 7.68 7.42 17.98
CA ALA A 23 6.38 7.88 18.46
C ALA A 23 5.43 6.70 18.66
N GLY A 24 5.43 5.76 17.71
CA GLY A 24 4.60 4.58 17.82
C GLY A 24 4.98 3.77 19.06
N LEU A 25 6.27 3.51 19.24
CA LEU A 25 6.70 2.65 20.35
C LEU A 25 6.59 3.32 21.72
N THR A 26 6.56 4.64 21.75
CA THR A 26 6.47 5.36 23.01
C THR A 26 5.05 5.85 23.35
N ALA A 27 4.10 5.65 22.45
CA ALA A 27 2.72 6.08 22.71
C ALA A 27 2.07 5.18 23.74
N ALA A 28 1.11 5.74 24.49
CA ALA A 28 0.38 4.97 25.51
C ALA A 28 -0.27 3.71 24.90
N PRO A 29 -0.84 3.80 23.69
CA PRO A 29 -1.14 2.54 23.00
C PRO A 29 -0.18 2.36 21.83
N LYS A 30 0.68 1.36 21.89
CA LYS A 30 1.80 1.26 20.95
C LYS A 30 1.34 0.92 19.55
N SER A 31 2.15 1.34 18.57
CA SER A 31 1.93 1.01 17.18
C SER A 31 3.26 1.01 16.43
N LEU A 32 3.23 0.50 15.20
CA LEU A 32 4.36 0.58 14.28
C LEU A 32 3.80 0.97 12.93
N PRO A 33 4.53 1.78 12.15
CA PRO A 33 4.05 2.17 10.81
C PRO A 33 4.06 1.00 9.84
N PRO A 34 2.96 0.82 9.07
CA PRO A 34 2.78 -0.30 8.13
C PRO A 34 3.89 -0.40 7.08
N LYS A 35 4.54 0.72 6.78
CA LYS A 35 5.56 0.71 5.73
C LYS A 35 6.74 -0.18 6.13
N TRP A 36 6.90 -0.42 7.43
CA TRP A 36 8.05 -1.20 7.91
C TRP A 36 7.88 -2.70 7.70
N PHE A 37 6.70 -3.11 7.22
CA PHE A 37 6.51 -4.49 6.79
C PHE A 37 7.41 -4.80 5.61
N TYR A 38 7.73 -3.76 4.83
CA TYR A 38 8.20 -4.00 3.47
C TYR A 38 9.71 -3.80 3.24
N ASP A 39 10.51 -4.64 3.88
CA ASP A 39 11.87 -4.92 3.40
C ASP A 39 11.75 -6.04 2.36
N ALA A 40 12.87 -6.58 1.93
CA ALA A 40 12.87 -7.66 0.93
C ALA A 40 12.06 -8.86 1.42
N VAL A 41 12.27 -9.24 2.68
CA VAL A 41 11.57 -10.40 3.23
C VAL A 41 10.05 -10.17 3.27
N GLY A 42 9.66 -8.97 3.70
CA GLY A 42 8.24 -8.63 3.80
C GLY A 42 7.57 -8.49 2.44
N SER A 43 8.28 -7.92 1.48
CA SER A 43 7.70 -7.76 0.14
C SER A 43 7.35 -9.13 -0.43
N ASP A 44 8.22 -10.11 -0.19
CA ASP A 44 7.92 -11.47 -0.62
C ASP A 44 6.79 -12.12 0.18
N LEU A 45 6.73 -11.86 1.48
CA LEU A 45 5.64 -12.41 2.30
C LEU A 45 4.29 -11.87 1.81
N PHE A 46 4.24 -10.59 1.45
CA PHE A 46 2.99 -10.05 0.94
C PHE A 46 2.62 -10.75 -0.36
N ASP A 47 3.65 -11.02 -1.16
CA ASP A 47 3.44 -11.72 -2.43
C ASP A 47 2.85 -13.12 -2.18
N GLN A 48 3.33 -13.79 -1.14
CA GLN A 48 2.72 -15.05 -0.73
C GLN A 48 1.26 -14.87 -0.31
N ILE A 49 0.97 -13.77 0.39
CA ILE A 49 -0.38 -13.55 0.90
C ILE A 49 -1.36 -13.44 -0.26
N THR A 50 -0.93 -12.81 -1.36
CA THR A 50 -1.83 -12.57 -2.50
C THR A 50 -2.35 -13.86 -3.10
N ARG A 51 -1.71 -14.98 -2.76
CA ARG A 51 -2.09 -16.27 -3.33
C ARG A 51 -2.89 -17.16 -2.36
N LEU A 52 -3.07 -16.71 -1.11
CA LEU A 52 -3.83 -17.50 -0.12
C LEU A 52 -5.28 -17.68 -0.57
N PRO A 53 -5.91 -18.81 -0.21
CA PRO A 53 -7.33 -18.92 -0.54
C PRO A 53 -8.16 -17.85 0.18
N GLU A 54 -7.87 -17.61 1.44
CA GLU A 54 -8.57 -16.60 2.25
C GLU A 54 -8.47 -15.20 1.69
N TYR A 55 -7.31 -14.83 1.14
CA TYR A 55 -7.08 -13.45 0.73
C TYR A 55 -7.69 -13.17 -0.65
N TYR A 56 -9.00 -12.92 -0.66
CA TYR A 56 -9.72 -12.59 -1.88
C TYR A 56 -9.31 -11.27 -2.61
N PRO A 57 -8.79 -10.23 -1.89
CA PRO A 57 -8.64 -8.97 -2.63
C PRO A 57 -7.80 -9.01 -3.92
N THR A 58 -6.69 -9.72 -3.94
CA THR A 58 -5.81 -9.61 -5.11
C THR A 58 -6.50 -10.19 -6.35
N ARG A 59 -7.02 -11.41 -6.26
CA ARG A 59 -7.65 -12.07 -7.40
C ARG A 59 -8.96 -11.41 -7.82
N THR A 60 -9.66 -10.82 -6.86
CA THR A 60 -10.89 -10.11 -7.17
C THR A 60 -10.55 -8.90 -8.02
N GLU A 61 -9.59 -8.12 -7.56
CA GLU A 61 -9.18 -6.91 -8.27
C GLU A 61 -8.59 -7.26 -9.64
N ALA A 62 -7.82 -8.34 -9.69
CA ALA A 62 -7.20 -8.76 -10.94
C ALA A 62 -8.26 -9.11 -11.98
N GLN A 63 -9.37 -9.69 -11.52
CA GLN A 63 -10.44 -10.07 -12.44
C GLN A 63 -11.17 -8.85 -12.98
N ILE A 64 -11.36 -7.84 -12.13
CA ILE A 64 -11.90 -6.58 -12.60
C ILE A 64 -10.95 -5.96 -13.62
N LEU A 65 -9.65 -5.98 -13.31
CA LEU A 65 -8.65 -5.41 -14.22
C LEU A 65 -8.58 -6.19 -15.54
N ARG A 66 -8.69 -7.52 -15.47
CA ARG A 66 -8.62 -8.32 -16.69
C ARG A 66 -9.76 -8.00 -17.66
N THR A 67 -10.92 -7.73 -17.10
CA THR A 67 -12.10 -7.50 -17.91
C THR A 67 -12.34 -6.02 -18.15
N ARG A 68 -11.73 -5.13 -17.37
CA ARG A 68 -12.08 -3.74 -17.59
C ARG A 68 -10.91 -2.83 -17.99
N SER A 69 -9.72 -3.41 -18.16
CA SER A 69 -8.55 -2.57 -18.47
C SER A 69 -8.71 -1.67 -19.72
N ALA A 70 -9.30 -2.21 -20.79
CA ALA A 70 -9.59 -1.45 -21.99
C ALA A 70 -10.43 -0.22 -21.67
N GLU A 71 -11.53 -0.45 -20.94
CA GLU A 71 -12.42 0.60 -20.49
C GLU A 71 -11.69 1.67 -19.70
N ILE A 72 -10.90 1.22 -18.72
CA ILE A 72 -10.09 2.13 -17.89
C ILE A 72 -9.16 3.00 -18.72
N ILE A 73 -8.42 2.37 -19.62
CA ILE A 73 -7.48 3.09 -20.48
C ILE A 73 -8.19 4.07 -21.42
N ALA A 74 -9.33 3.65 -21.96
CA ALA A 74 -10.10 4.51 -22.87
C ALA A 74 -10.58 5.77 -22.14
N ALA A 75 -10.99 5.61 -20.89
CA ALA A 75 -11.46 6.74 -20.13
C ALA A 75 -10.30 7.62 -19.71
N ALA A 76 -9.15 7.02 -19.41
CA ALA A 76 -8.04 7.82 -18.91
C ALA A 76 -7.26 8.50 -20.05
N GLY A 77 -7.04 7.75 -21.13
CA GLY A 77 -6.33 8.27 -22.29
C GLY A 77 -4.89 8.63 -21.99
N ALA A 78 -4.35 8.03 -20.92
CA ALA A 78 -3.02 8.41 -20.46
C ALA A 78 -1.90 7.75 -21.27
N ASP A 79 -0.75 8.42 -21.35
CA ASP A 79 0.43 7.86 -22.00
C ASP A 79 1.44 7.44 -20.95
N THR A 80 1.14 7.79 -19.71
CA THR A 80 2.05 7.59 -18.58
C THR A 80 1.27 6.95 -17.43
N LEU A 81 1.78 5.82 -16.97
CA LEU A 81 1.20 5.08 -15.88
C LEU A 81 2.06 5.26 -14.64
N VAL A 82 1.46 5.82 -13.60
CA VAL A 82 2.11 5.98 -12.31
C VAL A 82 1.51 4.96 -11.34
N GLU A 83 2.34 4.17 -10.67
CA GLU A 83 1.78 3.25 -9.69
C GLU A 83 2.34 3.44 -8.30
N LEU A 84 1.45 3.75 -7.37
CA LEU A 84 1.81 3.98 -5.99
C LEU A 84 1.75 2.70 -5.18
N GLY A 85 2.78 2.46 -4.38
CA GLY A 85 2.90 1.22 -3.65
C GLY A 85 2.89 0.09 -4.65
N SER A 86 3.76 0.22 -5.64
CA SER A 86 3.73 -0.64 -6.82
C SER A 86 4.04 -2.11 -6.55
N GLY A 87 4.95 -2.35 -5.61
CA GLY A 87 5.39 -3.70 -5.32
C GLY A 87 5.93 -4.35 -6.58
N THR A 88 5.46 -5.56 -6.87
CA THR A 88 5.92 -6.30 -8.02
C THR A 88 5.20 -5.89 -9.32
N SER A 89 4.12 -5.13 -9.20
CA SER A 89 3.39 -4.57 -10.35
C SER A 89 2.85 -5.67 -11.29
N GLU A 90 2.42 -6.76 -10.70
CA GLU A 90 1.88 -7.89 -11.46
C GLU A 90 0.49 -7.60 -12.08
N LYS A 91 -0.40 -7.00 -11.31
CA LYS A 91 -1.71 -6.60 -11.84
C LYS A 91 -1.54 -5.47 -12.84
N THR A 92 -0.49 -4.67 -12.62
CA THR A 92 -0.24 -3.48 -13.44
C THR A 92 0.09 -3.83 -14.89
N ARG A 93 0.57 -5.05 -15.12
CA ARG A 93 0.85 -5.47 -16.48
C ARG A 93 -0.42 -5.49 -17.35
N MET A 94 -1.57 -5.66 -16.72
CA MET A 94 -2.83 -5.62 -17.46
C MET A 94 -3.11 -4.21 -17.95
N LEU A 95 -2.80 -3.22 -17.12
CA LEU A 95 -2.98 -1.82 -17.46
C LEU A 95 -1.96 -1.43 -18.53
N LEU A 96 -0.70 -1.83 -18.32
CA LEU A 96 0.38 -1.58 -19.28
C LEU A 96 0.07 -2.19 -20.64
N ASP A 97 -0.50 -3.39 -20.66
CA ASP A 97 -0.86 -4.03 -21.94
C ASP A 97 -1.93 -3.24 -22.65
N ALA A 98 -2.94 -2.81 -21.89
CA ALA A 98 -4.03 -2.05 -22.48
C ALA A 98 -3.55 -0.69 -23.02
N MET A 99 -2.63 -0.03 -22.32
CA MET A 99 -2.07 1.22 -22.83
C MET A 99 -1.24 0.98 -24.08
N ARG A 100 -0.44 -0.08 -24.06
CA ARG A 100 0.34 -0.45 -25.22
C ARG A 100 -0.58 -0.75 -26.40
N ASP A 101 -1.65 -1.49 -26.14
CA ASP A 101 -2.62 -1.86 -27.17
C ASP A 101 -3.22 -0.63 -27.82
N ALA A 102 -3.57 0.35 -26.99
CA ALA A 102 -4.17 1.61 -27.43
C ALA A 102 -3.13 2.48 -28.13
N GLU A 103 -1.90 2.00 -28.19
CA GLU A 103 -0.76 2.74 -28.74
C GLU A 103 -0.48 4.08 -28.03
N LEU A 104 -0.66 4.13 -26.71
CA LEU A 104 -0.39 5.33 -25.92
C LEU A 104 0.85 5.22 -25.03
N LEU A 105 1.24 3.99 -24.70
CA LEU A 105 2.20 3.79 -23.62
C LEU A 105 3.59 4.35 -23.94
N ARG A 106 4.02 5.33 -23.14
CA ARG A 106 5.35 5.93 -23.32
C ARG A 106 6.23 5.79 -22.09
N ARG A 107 5.59 5.70 -20.92
CA ARG A 107 6.31 5.82 -19.65
C ARG A 107 5.62 5.07 -18.50
N PHE A 108 6.42 4.43 -17.64
CA PHE A 108 5.93 3.78 -16.42
C PHE A 108 6.69 4.31 -15.20
N ILE A 109 5.96 4.74 -14.19
CA ILE A 109 6.56 5.33 -13.00
C ILE A 109 6.12 4.56 -11.74
N PRO A 110 6.85 3.48 -11.42
CA PRO A 110 6.57 2.75 -10.18
C PRO A 110 7.14 3.53 -8.99
N PHE A 111 6.38 3.57 -7.91
CA PHE A 111 6.69 4.34 -6.75
C PHE A 111 6.55 3.41 -5.55
N ASP A 112 7.63 3.20 -4.80
CA ASP A 112 7.58 2.31 -3.64
C ASP A 112 8.62 2.69 -2.56
N VAL A 113 8.35 2.24 -1.34
CA VAL A 113 9.25 2.48 -0.22
C VAL A 113 10.42 1.51 -0.34
N ASP A 114 10.21 0.40 -1.04
CA ASP A 114 11.24 -0.63 -1.14
C ASP A 114 11.96 -0.61 -2.48
N ALA A 115 13.22 -0.18 -2.45
CA ALA A 115 14.00 0.03 -3.67
C ALA A 115 14.38 -1.28 -4.35
N GLY A 116 14.32 -2.38 -3.59
CA GLY A 116 14.63 -3.68 -4.17
C GLY A 116 13.51 -4.11 -5.09
N VAL A 117 12.28 -4.01 -4.59
CA VAL A 117 11.10 -4.30 -5.39
C VAL A 117 11.03 -3.39 -6.62
N LEU A 118 11.54 -2.17 -6.50
CA LEU A 118 11.57 -1.24 -7.63
C LEU A 118 12.58 -1.68 -8.69
N ARG A 119 13.75 -2.14 -8.26
CA ARG A 119 14.77 -2.52 -9.22
C ARG A 119 14.38 -3.80 -9.96
N SER A 120 13.70 -4.70 -9.26
CA SER A 120 13.25 -5.95 -9.87
C SER A 120 12.12 -5.71 -10.86
N ALA A 121 11.03 -5.12 -10.39
CA ALA A 121 9.90 -4.84 -11.25
C ALA A 121 10.28 -3.90 -12.40
N GLY A 122 11.14 -2.95 -12.09
CA GLY A 122 11.59 -1.96 -13.08
C GLY A 122 12.36 -2.57 -14.23
N ALA A 123 13.31 -3.45 -13.91
CA ALA A 123 14.08 -4.12 -14.94
C ALA A 123 13.17 -5.06 -15.77
N ALA A 124 12.26 -5.75 -15.09
CA ALA A 124 11.28 -6.63 -15.73
C ALA A 124 10.41 -5.90 -16.75
N ILE A 125 9.74 -4.85 -16.27
CA ILE A 125 8.88 -4.06 -17.13
C ILE A 125 9.67 -3.43 -18.27
N GLY A 126 10.88 -2.96 -17.96
CA GLY A 126 11.73 -2.36 -18.97
C GLY A 126 12.02 -3.28 -20.13
N ALA A 127 12.12 -4.57 -19.84
CA ALA A 127 12.34 -5.59 -20.85
C ALA A 127 11.06 -6.09 -21.54
N GLU A 128 9.97 -6.22 -20.76
CA GLU A 128 8.68 -6.65 -21.32
C GLU A 128 8.07 -5.64 -22.28
N TYR A 129 8.43 -4.37 -22.11
CA TYR A 129 7.89 -3.32 -22.96
C TYR A 129 9.03 -2.47 -23.51
N PRO A 130 9.81 -3.02 -24.44
CA PRO A 130 10.95 -2.29 -25.00
C PRO A 130 10.56 -0.89 -25.49
N GLY A 131 11.45 0.08 -25.31
CA GLY A 131 11.18 1.41 -25.79
C GLY A 131 10.45 2.29 -24.78
N ILE A 132 9.83 1.68 -23.77
CA ILE A 132 9.23 2.43 -22.68
C ILE A 132 10.35 3.05 -21.82
N GLU A 133 10.12 4.26 -21.31
CA GLU A 133 11.02 4.82 -20.30
C GLU A 133 10.46 4.46 -18.94
N ILE A 134 11.35 4.07 -18.04
CA ILE A 134 10.97 3.73 -16.67
C ILE A 134 11.56 4.71 -15.68
N ASP A 135 10.72 5.39 -14.90
CA ASP A 135 11.21 6.32 -13.89
C ASP A 135 10.80 5.83 -12.50
N ALA A 136 11.62 4.97 -11.92
CA ALA A 136 11.30 4.43 -10.60
C ALA A 136 11.57 5.49 -9.55
N VAL A 137 10.67 5.56 -8.56
CA VAL A 137 10.81 6.52 -7.49
C VAL A 137 10.74 5.80 -6.16
N CYS A 138 11.82 5.89 -5.39
CA CYS A 138 11.81 5.32 -4.07
C CYS A 138 11.49 6.39 -3.05
N GLY A 139 10.30 6.33 -2.51
CA GLY A 139 9.84 7.31 -1.54
C GLY A 139 8.67 6.82 -0.72
N ASP A 140 8.18 7.71 0.13
CA ASP A 140 7.02 7.50 0.98
C ASP A 140 5.82 8.20 0.35
N PHE A 141 4.73 7.48 0.05
CA PHE A 141 3.65 8.12 -0.70
C PHE A 141 2.85 9.10 0.17
N GLU A 142 3.21 9.20 1.45
CA GLU A 142 2.60 10.21 2.32
C GLU A 142 3.44 11.47 2.39
N GLU A 143 4.60 11.45 1.72
CA GLU A 143 5.56 12.55 1.87
C GLU A 143 6.14 13.01 0.53
N HIS A 144 6.33 12.10 -0.42
CA HIS A 144 7.12 12.40 -1.61
C HIS A 144 6.38 12.38 -2.94
N LEU A 145 5.06 12.58 -2.93
CA LEU A 145 4.29 12.55 -4.18
C LEU A 145 4.67 13.67 -5.15
N GLY A 146 5.06 14.82 -4.61
CA GLY A 146 5.52 15.98 -5.39
C GLY A 146 6.72 15.70 -6.25
N LYS A 147 7.39 14.57 -6.00
CA LYS A 147 8.60 14.22 -6.72
C LYS A 147 8.29 13.37 -7.96
N ILE A 148 7.04 12.95 -8.08
CA ILE A 148 6.62 12.21 -9.26
C ILE A 148 6.55 13.17 -10.45
N PRO A 149 7.23 12.85 -11.55
CA PRO A 149 7.29 13.73 -12.72
C PRO A 149 5.91 14.09 -13.24
N HIS A 150 5.75 15.31 -13.76
CA HIS A 150 4.48 15.83 -14.24
C HIS A 150 4.31 15.66 -15.76
N VAL A 151 5.29 15.02 -16.38
CA VAL A 151 5.33 14.76 -17.82
C VAL A 151 4.08 14.02 -18.36
N GLY A 152 3.62 14.41 -19.54
CA GLY A 152 2.60 13.67 -20.26
C GLY A 152 1.23 13.72 -19.61
N ARG A 153 0.34 12.84 -20.08
CA ARG A 153 -0.97 12.67 -19.48
C ARG A 153 -0.94 11.42 -18.60
N ARG A 154 -1.23 11.57 -17.32
CA ARG A 154 -0.85 10.54 -16.36
C ARG A 154 -2.05 9.82 -15.76
N LEU A 155 -1.96 8.50 -15.72
CA LEU A 155 -2.89 7.69 -14.96
C LEU A 155 -2.18 7.22 -13.71
N VAL A 156 -2.60 7.73 -12.57
CA VAL A 156 -2.01 7.33 -11.30
C VAL A 156 -2.86 6.22 -10.73
N VAL A 157 -2.24 5.08 -10.41
CA VAL A 157 -3.01 3.97 -9.87
C VAL A 157 -2.53 3.59 -8.47
N PHE A 158 -3.48 3.25 -7.62
CA PHE A 158 -3.23 2.92 -6.24
C PHE A 158 -4.09 1.72 -5.96
N LEU A 159 -3.56 0.54 -6.25
CA LEU A 159 -4.35 -0.69 -6.25
C LEU A 159 -4.30 -1.39 -4.91
N GLY A 160 -5.02 -2.50 -4.80
CA GLY A 160 -4.89 -3.42 -3.68
C GLY A 160 -5.45 -2.93 -2.37
N SER A 161 -6.24 -1.86 -2.41
CA SER A 161 -6.81 -1.26 -1.21
C SER A 161 -5.72 -0.84 -0.20
N THR A 162 -4.55 -0.50 -0.72
CA THR A 162 -3.50 0.06 0.14
C THR A 162 -3.96 1.36 0.77
N ILE A 163 -4.89 2.06 0.11
CA ILE A 163 -5.41 3.32 0.67
C ILE A 163 -6.02 3.07 2.05
N GLY A 164 -6.51 1.85 2.28
CA GLY A 164 -7.15 1.48 3.52
C GLY A 164 -6.17 1.22 4.65
N ASN A 165 -4.87 1.24 4.34
CA ASN A 165 -3.85 1.09 5.38
C ASN A 165 -3.53 2.44 6.03
N LEU A 166 -4.23 3.49 5.60
CA LEU A 166 -4.19 4.79 6.24
C LEU A 166 -5.48 5.05 7.03
N THR A 167 -5.34 5.57 8.25
CA THR A 167 -6.52 5.89 9.05
C THR A 167 -7.17 7.17 8.49
N PRO A 168 -8.42 7.48 8.89
CA PRO A 168 -9.14 8.53 8.15
C PRO A 168 -8.44 9.90 8.07
N ALA A 169 -7.76 10.34 9.12
CA ALA A 169 -7.15 11.67 9.07
C ALA A 169 -5.95 11.69 8.12
N PRO A 170 -4.97 10.78 8.27
CA PRO A 170 -3.95 10.82 7.22
C PRO A 170 -4.45 10.39 5.83
N ARG A 171 -5.51 9.60 5.76
CA ARG A 171 -6.06 9.20 4.46
C ARG A 171 -6.57 10.40 3.70
N ALA A 172 -7.25 11.30 4.41
CA ALA A 172 -7.77 12.50 3.81
C ALA A 172 -6.62 13.42 3.35
N GLU A 173 -5.61 13.59 4.19
CA GLU A 173 -4.43 14.39 3.83
C GLU A 173 -3.75 13.83 2.58
N PHE A 174 -3.56 12.50 2.54
CA PHE A 174 -2.97 11.84 1.39
C PHE A 174 -3.75 12.10 0.10
N LEU A 175 -5.06 11.89 0.13
CA LEU A 175 -5.91 12.07 -1.03
C LEU A 175 -5.95 13.50 -1.51
N SER A 176 -6.00 14.45 -0.57
CA SER A 176 -5.93 15.87 -0.90
C SER A 176 -4.63 16.22 -1.59
N THR A 177 -3.54 15.65 -1.06
CA THR A 177 -2.20 15.90 -1.58
C THR A 177 -2.08 15.30 -2.97
N LEU A 178 -2.49 14.04 -3.09
CA LEU A 178 -2.50 13.37 -4.38
C LEU A 178 -3.27 14.17 -5.41
N ALA A 179 -4.46 14.64 -5.02
CA ALA A 179 -5.29 15.43 -5.91
C ALA A 179 -4.54 16.66 -6.39
N ASP A 180 -3.85 17.29 -5.46
CA ASP A 180 -3.10 18.49 -5.78
C ASP A 180 -1.84 18.23 -6.61
N THR A 181 -1.42 16.98 -6.77
CA THR A 181 -0.31 16.73 -7.70
C THR A 181 -0.82 16.47 -9.11
N LEU A 182 -2.14 16.28 -9.28
CA LEU A 182 -2.71 15.95 -10.58
C LEU A 182 -2.84 17.19 -11.43
N GLN A 183 -2.58 17.05 -12.72
CA GLN A 183 -2.77 18.18 -13.62
C GLN A 183 -4.05 17.94 -14.44
N PRO A 184 -4.55 18.99 -15.12
CA PRO A 184 -5.71 18.77 -16.00
C PRO A 184 -5.44 17.65 -16.99
N GLY A 185 -6.36 16.70 -17.07
CA GLY A 185 -6.17 15.57 -17.94
C GLY A 185 -5.71 14.32 -17.20
N ASP A 186 -5.10 14.49 -16.02
CA ASP A 186 -4.67 13.33 -15.20
C ASP A 186 -5.84 12.59 -14.52
N SER A 187 -5.61 11.33 -14.16
CA SER A 187 -6.62 10.48 -13.55
C SER A 187 -6.05 9.68 -12.41
N LEU A 188 -6.91 9.35 -11.47
CA LEU A 188 -6.57 8.45 -10.39
C LEU A 188 -7.41 7.18 -10.52
N LEU A 189 -6.76 6.02 -10.55
CA LEU A 189 -7.45 4.74 -10.42
C LEU A 189 -7.20 4.21 -9.01
N LEU A 190 -8.26 4.04 -8.24
CA LEU A 190 -8.15 3.68 -6.83
C LEU A 190 -8.87 2.37 -6.54
N GLY A 191 -8.17 1.40 -5.96
CA GLY A 191 -8.80 0.15 -5.54
C GLY A 191 -9.23 0.23 -4.08
N THR A 192 -10.47 -0.15 -3.80
CA THR A 192 -11.01 -0.12 -2.44
C THR A 192 -11.76 -1.42 -2.12
N ASP A 193 -11.26 -2.15 -1.12
CA ASP A 193 -11.94 -3.34 -0.64
C ASP A 193 -13.21 -2.91 0.06
N LEU A 194 -14.30 -3.66 -0.09
CA LEU A 194 -15.58 -3.14 0.37
C LEU A 194 -16.07 -3.89 1.61
N VAL A 195 -16.92 -3.25 2.39
CA VAL A 195 -17.49 -3.90 3.57
C VAL A 195 -18.29 -5.10 3.11
N LYS A 196 -18.08 -6.21 3.79
CA LYS A 196 -18.69 -7.50 3.49
C LYS A 196 -18.77 -8.28 4.79
N ASP A 197 -19.23 -9.53 4.70
CA ASP A 197 -19.23 -10.47 5.83
C ASP A 197 -17.89 -10.47 6.59
N THR A 198 -17.96 -10.39 7.93
CA THR A 198 -16.73 -10.16 8.69
C THR A 198 -15.96 -11.45 8.95
N GLY A 199 -16.65 -12.59 8.92
CA GLY A 199 -15.96 -13.87 8.87
C GLY A 199 -14.96 -13.88 7.71
N ARG A 200 -15.43 -13.45 6.53
CA ARG A 200 -14.56 -13.40 5.35
C ARG A 200 -13.42 -12.41 5.54
N LEU A 201 -13.76 -11.20 6.01
CA LEU A 201 -12.78 -10.16 6.29
C LEU A 201 -11.70 -10.58 7.30
N VAL A 202 -12.11 -11.18 8.41
CA VAL A 202 -11.13 -11.57 9.44
C VAL A 202 -10.27 -12.76 8.98
N ARG A 203 -10.87 -13.71 8.27
CA ARG A 203 -10.12 -14.87 7.77
C ARG A 203 -9.03 -14.47 6.76
N ALA A 204 -9.28 -13.42 5.99
CA ALA A 204 -8.31 -12.96 5.00
C ALA A 204 -7.04 -12.38 5.64
N TYR A 205 -7.11 -12.08 6.94
CA TYR A 205 -5.95 -11.57 7.66
C TYR A 205 -5.53 -12.53 8.76
N ASP A 206 -6.08 -13.74 8.73
CA ASP A 206 -5.74 -14.74 9.74
C ASP A 206 -5.81 -16.12 9.11
N ASP A 207 -5.02 -16.32 8.04
CA ASP A 207 -5.04 -17.56 7.27
C ASP A 207 -4.53 -18.73 8.10
N ALA A 208 -4.97 -19.92 7.72
CA ALA A 208 -4.64 -21.14 8.46
C ALA A 208 -3.18 -21.56 8.23
N ALA A 209 -2.57 -21.04 7.17
CA ALA A 209 -1.17 -21.36 6.86
C ALA A 209 -0.18 -20.60 7.75
N GLY A 210 -0.63 -19.46 8.32
CA GLY A 210 0.23 -18.71 9.23
C GLY A 210 1.01 -17.64 8.51
N VAL A 211 0.69 -17.45 7.23
CA VAL A 211 1.43 -16.53 6.38
C VAL A 211 1.27 -15.10 6.84
N THR A 212 0.02 -14.65 7.01
CA THR A 212 -0.22 -13.29 7.49
C THR A 212 0.46 -13.08 8.85
N ALA A 213 0.44 -14.11 9.69
CA ALA A 213 1.11 -14.05 11.00
C ALA A 213 2.60 -13.73 10.84
N ALA A 214 3.26 -14.51 10.00
CA ALA A 214 4.67 -14.30 9.68
C ALA A 214 4.91 -12.90 9.11
N PHE A 215 4.04 -12.47 8.21
CA PHE A 215 4.15 -11.14 7.63
C PHE A 215 4.04 -10.07 8.72
N ASN A 216 3.10 -10.26 9.64
CA ASN A 216 2.92 -9.34 10.76
C ASN A 216 4.15 -9.30 11.66
N ARG A 217 4.62 -10.46 12.10
CA ARG A 217 5.79 -10.58 12.97
C ARG A 217 7.07 -10.04 12.34
N ASN A 218 7.16 -10.11 11.02
CA ASN A 218 8.39 -9.73 10.34
C ASN A 218 8.71 -8.24 10.55
N VAL A 219 7.68 -7.44 10.87
CA VAL A 219 7.92 -6.03 11.16
C VAL A 219 8.93 -5.90 12.33
N LEU A 220 8.91 -6.88 13.23
CA LEU A 220 9.88 -6.90 14.33
C LEU A 220 11.28 -7.30 13.83
N ALA A 221 11.34 -8.16 12.82
CA ALA A 221 12.62 -8.55 12.23
C ALA A 221 13.27 -7.38 11.50
N VAL A 222 12.44 -6.56 10.86
CA VAL A 222 12.93 -5.41 10.12
C VAL A 222 13.49 -4.39 11.11
N VAL A 223 12.67 -4.06 12.11
CA VAL A 223 13.12 -3.16 13.16
C VAL A 223 14.37 -3.70 13.85
N ASN A 224 14.43 -5.02 14.07
CA ASN A 224 15.58 -5.64 14.71
C ASN A 224 16.85 -5.42 13.92
N ARG A 225 16.74 -5.66 12.62
CA ARG A 225 17.88 -5.63 11.72
C ARG A 225 18.32 -4.21 11.50
N GLU A 226 17.35 -3.33 11.22
CA GLU A 226 17.64 -1.99 10.73
C GLU A 226 17.81 -0.92 11.80
N LEU A 227 17.24 -1.14 12.99
CA LEU A 227 17.36 -0.14 14.06
C LEU A 227 18.07 -0.71 15.29
N SER A 228 18.67 -1.90 15.13
CA SER A 228 19.41 -2.57 16.19
C SER A 228 18.52 -2.83 17.41
N ALA A 229 17.38 -3.46 17.17
CA ALA A 229 16.45 -3.81 18.24
C ALA A 229 16.59 -5.28 18.59
N ASP A 230 15.96 -5.71 19.68
CA ASP A 230 16.09 -7.10 20.09
C ASP A 230 14.74 -7.76 20.42
N PHE A 231 13.68 -7.38 19.70
CA PHE A 231 12.40 -8.06 19.81
C PHE A 231 12.59 -9.57 19.72
N ASP A 232 11.97 -10.30 20.64
CA ASP A 232 11.86 -11.76 20.55
C ASP A 232 10.59 -12.11 19.79
N LEU A 233 10.73 -12.53 18.54
CA LEU A 233 9.55 -12.74 17.69
C LEU A 233 8.61 -13.82 18.27
N ASP A 234 9.20 -14.80 18.92
CA ASP A 234 8.46 -15.86 19.59
C ASP A 234 7.54 -15.33 20.69
N ALA A 235 7.88 -14.18 21.25
CA ALA A 235 7.13 -13.67 22.39
C ALA A 235 5.82 -12.98 22.00
N PHE A 236 5.64 -12.74 20.70
CA PHE A 236 4.45 -12.01 20.24
C PHE A 236 3.56 -12.84 19.34
N GLU A 237 2.25 -12.75 19.53
CA GLU A 237 1.34 -13.51 18.69
C GLU A 237 0.52 -12.60 17.80
N HIS A 238 0.30 -13.07 16.59
CA HIS A 238 -0.50 -12.37 15.60
C HIS A 238 -1.96 -12.33 16.05
N VAL A 239 -2.58 -11.16 15.98
CA VAL A 239 -4.01 -11.03 16.27
C VAL A 239 -4.69 -10.19 15.20
N ALA A 240 -5.75 -10.73 14.59
CA ALA A 240 -6.54 -9.97 13.61
C ALA A 240 -7.95 -9.74 14.17
N LYS A 241 -8.44 -8.51 14.07
CA LYS A 241 -9.73 -8.16 14.64
C LYS A 241 -10.51 -7.23 13.72
N TRP A 242 -11.83 -7.35 13.79
CA TRP A 242 -12.73 -6.45 13.10
C TRP A 242 -13.14 -5.35 14.07
N ASN A 243 -12.82 -4.11 13.73
CA ASN A 243 -13.27 -2.95 14.47
C ASN A 243 -14.56 -2.44 13.81
N SER A 244 -15.73 -2.76 14.37
CA SER A 244 -16.98 -2.46 13.67
C SER A 244 -17.29 -0.97 13.68
N ASP A 245 -16.88 -0.30 14.74
CA ASP A 245 -17.01 1.16 14.86
C ASP A 245 -16.32 1.88 13.69
N GLU A 246 -15.08 1.49 13.43
CA GLU A 246 -14.27 2.13 12.40
C GLU A 246 -14.36 1.39 11.06
N GLU A 247 -15.11 0.29 11.06
CA GLU A 247 -15.23 -0.60 9.91
C GLU A 247 -13.87 -0.89 9.30
N ARG A 248 -12.99 -1.48 10.10
CA ARG A 248 -11.66 -1.82 9.60
C ARG A 248 -11.13 -3.06 10.26
N ILE A 249 -10.37 -3.84 9.50
CA ILE A 249 -9.58 -4.92 10.10
C ILE A 249 -8.39 -4.28 10.78
N GLU A 250 -7.98 -4.84 11.91
CA GLU A 250 -6.78 -4.42 12.60
C GLU A 250 -5.85 -5.59 12.87
N MET A 251 -4.60 -5.48 12.45
CA MET A 251 -3.62 -6.47 12.84
C MET A 251 -2.89 -5.97 14.07
N TRP A 252 -2.80 -6.85 15.06
CA TRP A 252 -2.09 -6.54 16.29
C TRP A 252 -1.01 -7.58 16.55
N LEU A 253 0.01 -7.19 17.32
CA LEU A 253 0.93 -8.17 17.89
C LEU A 253 0.79 -8.10 19.40
N ARG A 254 0.53 -9.23 20.05
CA ARG A 254 0.32 -9.23 21.48
C ARG A 254 1.44 -9.96 22.22
N ALA A 255 1.92 -9.36 23.30
CA ALA A 255 2.98 -9.97 24.10
C ALA A 255 2.42 -11.10 24.94
N ARG A 256 3.04 -12.27 24.86
CA ARG A 256 2.60 -13.43 25.64
C ARG A 256 2.98 -13.28 27.11
N THR A 257 4.10 -12.61 27.34
CA THR A 257 4.63 -12.37 28.68
C THR A 257 5.26 -10.98 28.66
N ALA A 258 5.70 -10.49 29.81
CA ALA A 258 6.35 -9.19 29.87
C ALA A 258 7.60 -9.20 28.99
N GLN A 259 7.74 -8.17 28.19
CA GLN A 259 8.89 -8.07 27.30
C GLN A 259 9.59 -6.75 27.52
N HIS A 260 10.91 -6.79 27.44
CA HIS A 260 11.69 -5.58 27.58
C HIS A 260 12.61 -5.48 26.37
N VAL A 261 12.38 -4.44 25.56
CA VAL A 261 12.99 -4.33 24.23
C VAL A 261 13.76 -3.01 24.04
N ARG A 262 15.03 -3.12 23.67
CA ARG A 262 15.78 -1.92 23.30
C ARG A 262 15.78 -1.75 21.79
N VAL A 263 15.66 -0.50 21.33
CA VAL A 263 15.89 -0.17 19.92
C VAL A 263 17.07 0.80 19.90
N ALA A 264 18.26 0.26 19.67
CA ALA A 264 19.50 0.99 19.95
C ALA A 264 19.72 2.20 19.04
N ALA A 265 19.33 2.08 17.78
CA ALA A 265 19.47 3.18 16.82
C ALA A 265 18.57 4.35 17.19
N LEU A 266 17.57 4.10 18.03
CA LEU A 266 16.65 5.14 18.44
C LEU A 266 16.96 5.67 19.84
N ASP A 267 18.02 5.15 20.46
CA ASP A 267 18.34 5.41 21.86
C ASP A 267 17.12 5.17 22.74
N LEU A 268 16.48 4.02 22.55
CA LEU A 268 15.16 3.78 23.10
C LEU A 268 15.01 2.39 23.70
N GLU A 269 14.53 2.34 24.93
CA GLU A 269 14.08 1.08 25.51
C GLU A 269 12.58 1.17 25.79
N VAL A 270 11.82 0.16 25.39
CA VAL A 270 10.41 0.10 25.72
C VAL A 270 10.04 -1.22 26.39
N ASP A 271 8.93 -1.24 27.10
CA ASP A 271 8.45 -2.46 27.73
C ASP A 271 7.02 -2.75 27.31
N PHE A 272 6.70 -4.04 27.26
CA PHE A 272 5.36 -4.53 27.06
C PHE A 272 4.91 -5.29 28.31
N ALA A 273 3.65 -5.11 28.71
CA ALA A 273 3.05 -5.93 29.74
C ALA A 273 2.51 -7.24 29.13
N ALA A 274 2.36 -8.27 29.96
CA ALA A 274 1.73 -9.50 29.52
C ALA A 274 0.33 -9.19 28.96
N GLY A 275 0.07 -9.68 27.75
CA GLY A 275 -1.20 -9.41 27.10
C GLY A 275 -1.34 -8.05 26.45
N GLU A 276 -0.33 -7.20 26.59
CA GLU A 276 -0.37 -5.89 25.94
C GLU A 276 -0.29 -6.05 24.43
N GLU A 277 -1.06 -5.25 23.71
CA GLU A 277 -1.14 -5.32 22.25
C GLU A 277 -0.58 -4.09 21.54
N MET A 278 0.09 -4.31 20.42
CA MET A 278 0.62 -3.25 19.58
C MET A 278 -0.02 -3.29 18.20
N LEU A 279 -0.58 -2.17 17.77
CA LEU A 279 -1.23 -2.07 16.48
C LEU A 279 -0.21 -2.01 15.35
N THR A 280 -0.20 -2.98 14.44
CA THR A 280 0.80 -2.95 13.36
C THR A 280 0.23 -2.58 12.00
N GLU A 281 -1.07 -2.78 11.79
CA GLU A 281 -1.69 -2.33 10.55
C GLU A 281 -3.20 -2.20 10.67
N VAL A 282 -3.76 -1.17 10.04
CA VAL A 282 -5.21 -1.11 9.85
C VAL A 282 -5.50 -1.35 8.38
N SER A 283 -6.65 -1.96 8.11
CA SER A 283 -7.13 -2.19 6.76
C SER A 283 -8.62 -1.75 6.69
N CYS A 284 -8.83 -0.48 6.39
CA CYS A 284 -10.17 0.08 6.34
C CYS A 284 -10.97 -0.53 5.19
N LYS A 285 -12.22 -0.90 5.45
CA LYS A 285 -13.12 -1.42 4.44
C LYS A 285 -14.17 -0.35 4.14
N PHE A 286 -14.51 -0.18 2.86
CA PHE A 286 -15.27 1.00 2.45
C PHE A 286 -16.68 0.67 1.98
N ARG A 287 -17.60 1.62 2.15
CA ARG A 287 -18.90 1.57 1.49
C ARG A 287 -18.84 2.42 0.24
N PRO A 288 -19.45 1.94 -0.86
CA PRO A 288 -19.39 2.63 -2.15
C PRO A 288 -19.64 4.14 -2.09
N GLU A 289 -20.65 4.58 -1.35
CA GLU A 289 -20.99 6.00 -1.34
C GLU A 289 -19.95 6.81 -0.56
N ASN A 290 -19.30 6.18 0.41
CA ASN A 290 -18.28 6.89 1.20
C ASN A 290 -17.03 7.09 0.38
N VAL A 291 -16.78 6.19 -0.56
CA VAL A 291 -15.63 6.34 -1.44
C VAL A 291 -15.86 7.57 -2.29
N VAL A 292 -17.07 7.72 -2.82
CA VAL A 292 -17.42 8.90 -3.61
C VAL A 292 -17.20 10.20 -2.80
N ALA A 293 -17.64 10.18 -1.55
CA ALA A 293 -17.59 11.36 -0.69
C ALA A 293 -16.17 11.66 -0.22
N GLU A 294 -15.36 10.63 0.01
CA GLU A 294 -13.96 10.85 0.37
C GLU A 294 -13.19 11.46 -0.79
N LEU A 295 -13.44 10.97 -2.00
CA LEU A 295 -12.80 11.54 -3.18
C LEU A 295 -13.19 13.01 -3.32
N ALA A 296 -14.49 13.29 -3.15
CA ALA A 296 -15.01 14.65 -3.30
C ALA A 296 -14.40 15.64 -2.29
N GLU A 297 -14.32 15.22 -1.04
CA GLU A 297 -13.65 15.98 0.02
C GLU A 297 -12.20 16.34 -0.36
N ALA A 298 -11.51 15.41 -1.00
CA ALA A 298 -10.12 15.61 -1.39
C ALA A 298 -9.99 16.50 -2.63
N GLY A 299 -11.11 16.80 -3.29
CA GLY A 299 -11.08 17.58 -4.50
C GLY A 299 -11.03 16.73 -5.76
N LEU A 300 -11.55 15.51 -5.66
CA LEU A 300 -11.59 14.58 -6.79
C LEU A 300 -13.01 14.14 -7.09
N ARG A 301 -13.34 14.00 -8.37
CA ARG A 301 -14.66 13.54 -8.76
C ARG A 301 -14.60 12.16 -9.37
N GLN A 302 -15.28 11.20 -8.74
CA GLN A 302 -15.39 9.86 -9.33
C GLN A 302 -16.12 9.92 -10.66
N THR A 303 -15.47 9.51 -11.74
CA THR A 303 -16.15 9.46 -13.03
C THR A 303 -16.59 8.04 -13.40
N HIS A 304 -15.85 7.04 -12.91
CA HIS A 304 -16.13 5.66 -13.21
C HIS A 304 -16.01 4.81 -11.95
N TRP A 305 -16.80 3.74 -11.92
CA TRP A 305 -16.88 2.81 -10.81
C TRP A 305 -17.04 1.41 -11.39
N TRP A 306 -16.11 0.51 -11.07
CA TRP A 306 -16.22 -0.88 -11.53
C TRP A 306 -16.18 -1.82 -10.34
N THR A 307 -17.07 -2.81 -10.31
CA THR A 307 -17.02 -3.85 -9.27
C THR A 307 -17.21 -5.24 -9.85
N ASP A 308 -16.71 -6.23 -9.12
CA ASP A 308 -16.97 -7.64 -9.39
C ASP A 308 -18.48 -7.94 -9.22
N PRO A 309 -18.93 -9.10 -9.69
CA PRO A 309 -20.36 -9.45 -9.55
C PRO A 309 -20.87 -9.45 -8.11
N ALA A 310 -20.07 -9.94 -7.17
CA ALA A 310 -20.53 -10.08 -5.80
C ALA A 310 -20.35 -8.77 -5.02
N GLY A 311 -19.79 -7.75 -5.68
CA GLY A 311 -19.51 -6.51 -5.00
C GLY A 311 -18.48 -6.62 -3.88
N ASP A 312 -17.50 -7.51 -4.01
CA ASP A 312 -16.45 -7.64 -2.97
C ASP A 312 -15.43 -6.50 -2.97
N PHE A 313 -15.27 -5.84 -4.11
CA PHE A 313 -14.15 -4.92 -4.33
C PHE A 313 -14.55 -3.89 -5.38
N GLY A 314 -14.11 -2.64 -5.22
CA GLY A 314 -14.41 -1.63 -6.22
C GLY A 314 -13.18 -0.95 -6.76
N LEU A 315 -13.24 -0.57 -8.03
CA LEU A 315 -12.23 0.30 -8.61
C LEU A 315 -12.87 1.61 -9.03
N SER A 316 -12.28 2.74 -8.63
CA SER A 316 -12.74 4.08 -9.01
C SER A 316 -11.78 4.75 -9.94
N LEU A 317 -12.33 5.46 -10.93
CA LEU A 317 -11.56 6.39 -11.74
C LEU A 317 -12.03 7.78 -11.36
N ALA A 318 -11.08 8.67 -11.05
CA ALA A 318 -11.43 10.01 -10.58
C ALA A 318 -10.60 11.10 -11.25
N VAL A 319 -11.16 12.29 -11.41
CA VAL A 319 -10.42 13.39 -11.99
C VAL A 319 -10.49 14.58 -11.02
N ARG A 320 -9.63 15.57 -11.23
CA ARG A 320 -9.68 16.78 -10.40
C ARG A 320 -11.00 17.49 -10.57
N LEU A 321 -11.49 18.09 -9.48
CA LEU A 321 -12.74 18.82 -9.51
C LEU A 321 -12.70 19.99 -10.50
#